data_8J31
#
_entry.id   8J31
#
_cell.length_a   155.297
_cell.length_b   155.297
_cell.length_c   128.529
_cell.angle_alpha   90.00
_cell.angle_beta   90.00
_cell.angle_gamma   90.00
#
_symmetry.space_group_name_H-M   'I 4 2 2'
#
_entity_poly.entity_id   1
_entity_poly.type   'polypeptide(L)'
_entity_poly.pdbx_seq_one_letter_code
;GPLGSMDSSQLHVAIVSSPGMGHLIPVLVLGNRLATHHNIKITILAITTTSSSAETEFLKKTTLTNEEKTIEIIPVPSVD
ISHLINSSTKIFTQLRLLVREALPKIHSTIASMTHRPDALIVDIFCTQILPIAEEFNISKYTYHPTTAWTLALAIYCQVF
DKEIEGEYVELKEPLKIPGCKALRPDDVVDPLLDRSDQQYEEYVKLGKEYTDFDGILINTWEDLEPETINALRYNEKLRL
LLKVPVFPIGPLRRKVETTLNDEVIQWLDKQNNESVLFVSFGSGGTLSTKQMTELAWGLELSQQKFVWVVRPPSDGDADS
AYLNSAGKDTRDMSEYLPEGFLTRTKDMGLVVPMWANQVEILSHSSVGGFLTHCGWNSTVESLTNGVPMIAWPLHAEQKM
NAAMLTEELGVAIRPAVLPTKKLVKREEIQGMVRILMQTKEGKRIKEKAKKLKKSAENALSDGGSSYNSICELVKDIRSR
;
_entity_poly.pdbx_strand_id   A
#
# COMPACT_ATOMS: atom_id res chain seq x y z
N SER A 9 -14.15 20.28 -24.25
CA SER A 9 -15.03 19.85 -23.17
C SER A 9 -14.29 18.99 -22.15
N GLN A 10 -14.38 19.39 -20.88
CA GLN A 10 -13.73 18.72 -19.76
C GLN A 10 -14.26 17.30 -19.55
N LEU A 11 -13.34 16.34 -19.43
CA LEU A 11 -13.70 14.93 -19.23
C LEU A 11 -14.34 14.73 -17.86
N HIS A 12 -15.28 13.78 -17.79
CA HIS A 12 -15.89 13.37 -16.54
C HIS A 12 -15.44 11.95 -16.21
N VAL A 13 -14.61 11.82 -15.18
CA VAL A 13 -14.08 10.53 -14.75
C VAL A 13 -14.72 10.12 -13.42
N ALA A 14 -15.23 8.88 -13.38
CA ALA A 14 -15.68 8.29 -12.15
C ALA A 14 -14.59 7.36 -11.61
N ILE A 15 -14.46 7.32 -10.28
CA ILE A 15 -13.51 6.46 -9.60
C ILE A 15 -14.30 5.69 -8.55
N VAL A 16 -13.99 4.40 -8.37
CA VAL A 16 -14.70 3.61 -7.38
C VAL A 16 -13.73 3.09 -6.32
N SER A 17 -14.11 3.32 -5.05
CA SER A 17 -13.27 3.02 -3.91
C SER A 17 -13.79 1.82 -3.13
N SER A 18 -12.88 0.86 -2.90
CA SER A 18 -13.13 -0.20 -1.93
C SER A 18 -13.22 0.42 -0.55
N PRO A 19 -13.99 -0.16 0.39
CA PRO A 19 -14.05 0.34 1.77
C PRO A 19 -12.68 0.46 2.45
N GLY A 20 -12.63 1.31 3.47
CA GLY A 20 -11.40 1.55 4.23
C GLY A 20 -10.66 2.81 3.77
N MET A 21 -9.80 3.31 4.65
CA MET A 21 -9.02 4.50 4.37
C MET A 21 -7.80 4.17 3.51
N GLY A 22 -7.20 3.00 3.76
CA GLY A 22 -6.10 2.52 2.93
C GLY A 22 -6.47 2.30 1.47
N HIS A 23 -7.78 2.29 1.16
CA HIS A 23 -8.27 2.18 -0.21
C HIS A 23 -8.90 3.48 -0.69
N LEU A 24 -9.58 4.21 0.21
CA LEU A 24 -10.21 5.46 -0.16
C LEU A 24 -9.18 6.55 -0.44
N ILE A 25 -8.21 6.69 0.47
CA ILE A 25 -7.21 7.75 0.38
C ILE A 25 -6.45 7.78 -0.94
N PRO A 26 -5.85 6.65 -1.40
CA PRO A 26 -5.18 6.63 -2.70
C PRO A 26 -6.09 7.17 -3.79
N VAL A 27 -7.31 6.60 -3.87
CA VAL A 27 -8.33 7.04 -4.81
C VAL A 27 -8.43 8.56 -4.86
N LEU A 28 -8.48 9.18 -3.66
CA LEU A 28 -8.56 10.62 -3.53
C LEU A 28 -7.32 11.30 -4.14
N VAL A 29 -6.14 10.83 -3.70
CA VAL A 29 -4.88 11.35 -4.20
C VAL A 29 -4.86 11.32 -5.72
N LEU A 30 -5.08 10.12 -6.29
CA LEU A 30 -5.24 9.92 -7.71
C LEU A 30 -6.12 10.99 -8.34
N GLY A 31 -7.35 11.11 -7.82
CA GLY A 31 -8.29 12.11 -8.31
C GLY A 31 -7.69 13.51 -8.37
N ASN A 32 -7.05 13.91 -7.27
CA ASN A 32 -6.51 15.26 -7.14
C ASN A 32 -5.39 15.49 -8.15
N ARG A 33 -4.49 14.52 -8.29
CA ARG A 33 -3.45 14.52 -9.30
C ARG A 33 -4.05 14.82 -10.68
N LEU A 34 -4.95 13.93 -11.12
CA LEU A 34 -5.59 14.07 -12.42
C LEU A 34 -6.19 15.47 -12.61
N ALA A 35 -7.11 15.84 -11.71
CA ALA A 35 -7.88 17.06 -11.83
C ALA A 35 -7.02 18.32 -11.81
N THR A 36 -5.96 18.31 -10.99
CA THR A 36 -5.07 19.45 -10.86
C THR A 36 -4.27 19.69 -12.13
N HIS A 37 -3.85 18.60 -12.78
CA HIS A 37 -2.81 18.66 -13.80
C HIS A 37 -3.39 18.66 -15.21
N HIS A 38 -4.57 18.06 -15.43
CA HIS A 38 -5.04 17.83 -16.78
C HIS A 38 -6.44 18.42 -17.03
N ASN A 39 -7.19 18.71 -15.96
CA ASN A 39 -8.49 19.38 -16.05
C ASN A 39 -9.61 18.39 -16.37
N ILE A 40 -10.02 17.64 -15.33
CA ILE A 40 -10.96 16.54 -15.44
C ILE A 40 -11.87 16.53 -14.22
N LYS A 41 -13.17 16.37 -14.43
CA LYS A 41 -14.13 16.31 -13.34
C LYS A 41 -14.13 14.92 -12.72
N ILE A 42 -13.95 14.86 -11.39
CA ILE A 42 -13.76 13.60 -10.68
C ILE A 42 -14.92 13.31 -9.72
N THR A 43 -15.62 12.19 -9.99
CA THR A 43 -16.66 11.72 -9.08
C THR A 43 -16.20 10.41 -8.44
N ILE A 44 -16.43 10.26 -7.14
CA ILE A 44 -15.96 9.12 -6.38
C ILE A 44 -17.13 8.38 -5.76
N LEU A 45 -17.18 7.05 -5.96
CA LEU A 45 -18.27 6.24 -5.46
C LEU A 45 -17.81 5.34 -4.33
N ALA A 46 -17.42 5.95 -3.20
CA ALA A 46 -16.79 5.23 -2.10
C ALA A 46 -17.74 4.22 -1.46
N ILE A 47 -17.28 2.97 -1.35
CA ILE A 47 -18.07 1.89 -0.75
C ILE A 47 -17.66 1.69 0.69
N PHE A 58 -8.52 16.33 12.70
CA PHE A 58 -7.58 17.19 11.95
C PHE A 58 -6.47 16.33 11.32
N LEU A 59 -6.73 15.86 10.09
CA LEU A 59 -5.78 15.05 9.36
C LEU A 59 -6.03 14.92 7.86
N LYS A 60 -7.27 15.19 7.40
CA LYS A 60 -7.66 14.94 6.02
C LYS A 60 -8.65 15.96 5.47
N LYS A 61 -9.88 15.97 6.02
CA LYS A 61 -10.96 16.86 5.62
C LYS A 61 -11.44 16.76 4.17
N THR A 62 -11.05 15.66 3.48
CA THR A 62 -11.53 15.32 2.14
C THR A 62 -11.54 16.51 1.19
N THR A 63 -12.72 16.92 0.71
CA THR A 63 -12.80 17.92 -0.34
C THR A 63 -12.79 19.34 0.25
N LEU A 64 -11.90 19.55 1.24
CA LEU A 64 -11.70 20.83 1.89
C LEU A 64 -12.38 21.98 1.15
N THR A 65 -11.87 22.28 -0.06
CA THR A 65 -12.49 23.25 -0.95
C THR A 65 -12.62 22.63 -2.34
N ASN A 66 -12.50 21.29 -2.40
CA ASN A 66 -12.40 20.57 -3.65
C ASN A 66 -13.77 20.19 -4.19
N GLU A 67 -14.84 20.71 -3.56
CA GLU A 67 -16.20 20.36 -3.94
C GLU A 67 -16.81 21.43 -4.85
N GLU A 68 -15.97 22.13 -5.63
CA GLU A 68 -16.43 23.15 -6.56
C GLU A 68 -16.70 22.50 -7.92
N LYS A 69 -17.68 21.57 -7.95
CA LYS A 69 -18.00 20.80 -9.14
C LYS A 69 -16.75 20.15 -9.73
N THR A 70 -15.72 20.01 -8.88
CA THR A 70 -14.40 19.57 -9.29
C THR A 70 -14.18 18.13 -8.83
N ILE A 71 -14.09 17.95 -7.50
CA ILE A 71 -14.05 16.64 -6.88
C ILE A 71 -15.34 16.45 -6.09
N GLU A 72 -15.96 15.27 -6.19
CA GLU A 72 -17.28 15.03 -5.62
C GLU A 72 -17.46 13.58 -5.18
N ILE A 73 -17.67 13.36 -3.87
CA ILE A 73 -17.76 12.02 -3.31
C ILE A 73 -19.21 11.60 -3.06
N ILE A 74 -19.71 10.68 -3.88
CA ILE A 74 -21.03 10.09 -3.71
C ILE A 74 -20.95 8.87 -2.80
N PRO A 75 -21.64 8.82 -1.64
CA PRO A 75 -21.58 7.66 -0.76
C PRO A 75 -22.43 6.50 -1.27
N VAL A 76 -21.85 5.29 -1.25
CA VAL A 76 -22.52 4.06 -1.64
C VAL A 76 -21.80 2.88 -0.98
N PRO A 77 -21.86 2.74 0.37
CA PRO A 77 -21.19 1.64 1.08
C PRO A 77 -22.14 0.64 1.73
N SER A 78 -23.31 0.42 1.10
CA SER A 78 -24.48 -0.12 1.77
C SER A 78 -24.82 -1.57 1.39
N VAL A 79 -24.29 -2.52 2.16
CA VAL A 79 -24.73 -3.90 2.16
C VAL A 79 -24.05 -4.65 3.31
N ASP A 80 -24.82 -5.46 4.03
CA ASP A 80 -24.29 -6.29 5.09
C ASP A 80 -23.92 -7.66 4.51
N ILE A 81 -22.91 -8.29 5.10
CA ILE A 81 -22.48 -9.63 4.70
C ILE A 81 -22.42 -10.61 5.87
N SER A 82 -22.98 -10.21 7.02
CA SER A 82 -22.91 -11.00 8.24
C SER A 82 -23.56 -12.38 8.09
N HIS A 83 -24.55 -12.48 7.19
CA HIS A 83 -25.26 -13.71 6.93
C HIS A 83 -24.60 -14.55 5.84
N LEU A 84 -23.35 -14.22 5.48
CA LEU A 84 -22.64 -14.92 4.42
C LEU A 84 -21.20 -15.30 4.75
N ILE A 85 -20.62 -14.69 5.80
CA ILE A 85 -19.27 -14.98 6.24
C ILE A 85 -19.28 -15.75 7.55
N ASN A 86 -18.08 -16.07 8.05
CA ASN A 86 -17.88 -16.60 9.38
C ASN A 86 -16.66 -15.93 10.00
N SER A 87 -16.18 -16.46 11.13
CA SER A 87 -14.98 -15.97 11.77
C SER A 87 -13.72 -16.19 10.91
N SER A 88 -13.59 -17.41 10.37
CA SER A 88 -12.40 -17.82 9.65
C SER A 88 -12.32 -17.33 8.20
N THR A 89 -13.42 -16.77 7.68
CA THR A 89 -13.43 -16.22 6.33
C THR A 89 -12.40 -15.09 6.23
N LYS A 90 -11.52 -15.19 5.24
CA LYS A 90 -10.37 -14.31 5.13
C LYS A 90 -10.79 -12.94 4.60
N ILE A 91 -10.00 -11.91 4.93
CA ILE A 91 -10.32 -10.54 4.60
C ILE A 91 -10.47 -10.28 3.11
N PHE A 92 -9.64 -10.93 2.29
CA PHE A 92 -9.66 -10.75 0.85
C PHE A 92 -11.02 -11.13 0.27
N THR A 93 -11.53 -12.30 0.67
CA THR A 93 -12.83 -12.78 0.24
C THR A 93 -13.94 -11.86 0.72
N GLN A 94 -13.87 -11.45 1.99
CA GLN A 94 -14.84 -10.52 2.55
C GLN A 94 -14.94 -9.26 1.71
N LEU A 95 -13.77 -8.65 1.44
CA LEU A 95 -13.68 -7.45 0.61
C LEU A 95 -14.12 -7.69 -0.83
N ARG A 96 -14.00 -8.93 -1.31
CA ARG A 96 -14.51 -9.30 -2.62
C ARG A 96 -16.04 -9.40 -2.61
N LEU A 97 -16.60 -9.89 -1.50
CA LEU A 97 -18.04 -10.03 -1.32
C LEU A 97 -18.75 -8.69 -1.21
N LEU A 98 -18.31 -7.86 -0.25
CA LEU A 98 -18.87 -6.54 -0.04
C LEU A 98 -19.23 -5.87 -1.36
N VAL A 99 -18.32 -5.97 -2.33
CA VAL A 99 -18.49 -5.36 -3.64
C VAL A 99 -19.11 -6.36 -4.62
N ARG A 100 -20.16 -7.05 -4.17
CA ARG A 100 -20.84 -8.07 -4.96
C ARG A 100 -22.28 -8.19 -4.47
N GLU A 101 -22.44 -8.42 -3.17
CA GLU A 101 -23.75 -8.55 -2.53
C GLU A 101 -24.83 -7.81 -3.30
N ALA A 102 -24.64 -6.51 -3.54
CA ALA A 102 -25.59 -5.72 -4.31
C ALA A 102 -24.90 -4.77 -5.28
N LEU A 103 -24.15 -5.36 -6.24
CA LEU A 103 -23.74 -4.62 -7.43
C LEU A 103 -24.92 -3.78 -7.94
N PRO A 104 -26.15 -4.33 -8.05
CA PRO A 104 -27.35 -3.55 -8.37
C PRO A 104 -27.37 -2.12 -7.84
N LYS A 105 -27.00 -1.94 -6.57
CA LYS A 105 -26.86 -0.61 -6.00
C LYS A 105 -26.01 0.24 -6.93
N ILE A 106 -24.83 -0.28 -7.28
CA ILE A 106 -23.88 0.42 -8.14
C ILE A 106 -24.48 0.62 -9.54
N HIS A 107 -25.11 -0.45 -10.06
CA HIS A 107 -25.78 -0.40 -11.35
C HIS A 107 -26.69 0.83 -11.42
N SER A 108 -27.61 0.94 -10.44
CA SER A 108 -28.57 2.03 -10.39
C SER A 108 -27.94 3.37 -10.08
N THR A 109 -26.83 3.38 -9.32
CA THR A 109 -26.08 4.58 -9.02
C THR A 109 -25.59 5.23 -10.32
N ILE A 110 -25.00 4.42 -11.20
CA ILE A 110 -24.50 4.88 -12.48
C ILE A 110 -25.64 5.12 -13.47
N ALA A 111 -26.75 4.39 -13.27
CA ALA A 111 -27.98 4.61 -14.02
C ALA A 111 -28.61 5.96 -13.67
N SER A 112 -28.32 6.45 -12.46
CA SER A 112 -28.85 7.71 -11.96
C SER A 112 -27.84 8.85 -12.01
N MET A 113 -26.67 8.62 -12.61
CA MET A 113 -25.74 9.69 -12.89
C MET A 113 -26.31 10.56 -14.01
N THR A 114 -26.46 11.86 -13.72
CA THR A 114 -27.02 12.82 -14.66
C THR A 114 -26.15 12.94 -15.91
N HIS A 115 -24.83 12.86 -15.71
CA HIS A 115 -23.87 12.67 -16.79
C HIS A 115 -23.08 11.40 -16.52
N ARG A 116 -23.19 10.42 -17.43
CA ARG A 116 -22.36 9.23 -17.38
C ARG A 116 -20.90 9.64 -17.57
N PRO A 117 -19.94 9.05 -16.82
CA PRO A 117 -18.54 9.38 -17.00
C PRO A 117 -18.02 8.83 -18.33
N ASP A 118 -17.01 9.51 -18.88
CA ASP A 118 -16.35 9.09 -20.11
C ASP A 118 -15.35 7.98 -19.83
N ALA A 119 -14.93 7.85 -18.56
CA ALA A 119 -14.09 6.77 -18.12
C ALA A 119 -14.26 6.49 -16.62
N LEU A 120 -14.27 5.19 -16.27
CA LEU A 120 -14.40 4.74 -14.90
C LEU A 120 -13.13 4.03 -14.45
N ILE A 121 -12.67 4.32 -13.23
CA ILE A 121 -11.45 3.74 -12.68
C ILE A 121 -11.78 3.04 -11.37
N VAL A 122 -11.75 1.70 -11.38
CA VAL A 122 -12.19 0.93 -10.21
C VAL A 122 -10.99 0.45 -9.41
N ASP A 123 -11.18 0.31 -8.09
CA ASP A 123 -10.12 -0.14 -7.20
C ASP A 123 -9.90 -1.64 -7.38
N ILE A 124 -8.70 -2.09 -6.99
CA ILE A 124 -8.30 -3.49 -7.08
C ILE A 124 -9.38 -4.48 -6.63
N PHE A 125 -10.14 -4.11 -5.61
CA PHE A 125 -11.18 -4.97 -5.06
C PHE A 125 -12.57 -4.69 -5.61
N CYS A 126 -12.65 -3.74 -6.57
CA CYS A 126 -13.90 -3.44 -7.25
C CYS A 126 -13.81 -3.77 -8.74
N THR A 127 -13.18 -4.92 -9.05
CA THR A 127 -13.06 -5.39 -10.42
C THR A 127 -14.34 -6.08 -10.90
N GLN A 128 -15.15 -6.59 -9.95
CA GLN A 128 -16.34 -7.36 -10.26
C GLN A 128 -17.44 -6.49 -10.90
N ILE A 129 -17.09 -5.23 -11.21
CA ILE A 129 -18.03 -4.24 -11.72
C ILE A 129 -18.10 -4.19 -13.24
N LEU A 130 -17.39 -5.11 -13.90
CA LEU A 130 -17.37 -5.20 -15.36
C LEU A 130 -18.77 -5.17 -15.96
N PRO A 131 -19.72 -6.07 -15.55
CA PRO A 131 -21.07 -6.05 -16.12
C PRO A 131 -21.55 -4.63 -16.36
N ILE A 132 -21.49 -3.82 -15.30
CA ILE A 132 -22.00 -2.46 -15.32
C ILE A 132 -21.27 -1.61 -16.35
N ALA A 133 -19.93 -1.59 -16.27
CA ALA A 133 -19.11 -0.84 -17.21
C ALA A 133 -19.42 -1.17 -18.68
N GLU A 134 -19.72 -2.46 -18.93
CA GLU A 134 -20.09 -2.95 -20.25
C GLU A 134 -21.49 -2.49 -20.66
N GLU A 135 -22.41 -2.42 -19.69
CA GLU A 135 -23.80 -2.05 -19.94
C GLU A 135 -23.92 -0.58 -20.38
N PHE A 136 -23.24 0.30 -19.65
CA PHE A 136 -23.22 1.73 -19.99
C PHE A 136 -22.10 2.04 -20.98
N ASN A 137 -21.29 1.02 -21.29
CA ASN A 137 -20.38 1.05 -22.42
C ASN A 137 -19.27 2.07 -22.19
N ILE A 138 -18.92 2.29 -20.91
CA ILE A 138 -17.97 3.31 -20.54
C ILE A 138 -16.56 2.70 -20.54
N SER A 139 -15.57 3.54 -20.83
CA SER A 139 -14.17 3.14 -20.79
C SER A 139 -13.79 2.73 -19.37
N LYS A 140 -13.44 1.44 -19.20
CA LYS A 140 -13.22 0.88 -17.87
C LYS A 140 -11.74 0.58 -17.61
N TYR A 141 -11.24 1.07 -16.47
CA TYR A 141 -9.85 0.90 -16.06
C TYR A 141 -9.77 0.42 -14.62
N THR A 142 -8.67 -0.26 -14.29
CA THR A 142 -8.43 -0.75 -12.93
C THR A 142 -7.19 -0.11 -12.30
N TYR A 143 -7.27 0.07 -10.98
CA TYR A 143 -6.18 0.63 -10.18
C TYR A 143 -5.50 -0.51 -9.41
N HIS A 144 -4.17 -0.58 -9.51
CA HIS A 144 -3.36 -1.43 -8.67
C HIS A 144 -2.54 -0.55 -7.75
N PRO A 145 -2.95 -0.37 -6.47
CA PRO A 145 -2.35 0.63 -5.59
C PRO A 145 -0.99 0.25 -5.01
N THR A 146 -0.47 -0.92 -5.40
CA THR A 146 0.83 -1.37 -4.94
C THR A 146 1.73 -1.68 -6.14
N THR A 147 2.69 -2.59 -5.95
CA THR A 147 3.80 -2.77 -6.88
C THR A 147 3.36 -3.44 -8.17
N ALA A 148 4.18 -3.29 -9.22
CA ALA A 148 3.97 -4.01 -10.47
C ALA A 148 4.33 -5.49 -10.33
N TRP A 149 5.33 -5.80 -9.50
CA TRP A 149 5.76 -7.18 -9.29
C TRP A 149 4.60 -8.01 -8.74
N THR A 150 3.94 -7.49 -7.69
CA THR A 150 2.74 -8.10 -7.14
C THR A 150 1.65 -8.24 -8.19
N LEU A 151 1.53 -7.23 -9.07
CA LEU A 151 0.59 -7.28 -10.17
C LEU A 151 0.91 -8.45 -11.09
N ALA A 152 2.14 -8.46 -11.64
CA ALA A 152 2.60 -9.52 -12.52
C ALA A 152 2.28 -10.90 -11.96
N LEU A 153 2.50 -11.07 -10.65
CA LEU A 153 2.11 -12.28 -9.95
C LEU A 153 0.61 -12.51 -10.07
N ALA A 154 -0.18 -11.53 -9.60
CA ALA A 154 -1.63 -11.61 -9.60
C ALA A 154 -2.17 -12.11 -10.93
N ILE A 155 -1.60 -11.60 -12.03
CA ILE A 155 -1.95 -12.04 -13.38
C ILE A 155 -1.51 -13.48 -13.59
N TYR A 156 -0.19 -13.70 -13.50
CA TYR A 156 0.42 -14.96 -13.90
C TYR A 156 0.00 -16.14 -13.03
N CYS A 157 -0.65 -15.86 -11.89
CA CYS A 157 -1.09 -16.91 -10.98
C CYS A 157 -2.11 -17.85 -11.63
N GLN A 158 -2.78 -17.37 -12.69
CA GLN A 158 -3.69 -18.20 -13.45
C GLN A 158 -2.98 -19.35 -14.17
N VAL A 159 -1.67 -19.18 -14.42
CA VAL A 159 -0.83 -20.21 -15.03
C VAL A 159 -0.25 -21.15 -13.97
N PHE A 160 0.30 -20.58 -12.89
CA PHE A 160 0.85 -21.38 -11.80
C PHE A 160 -0.20 -22.35 -11.24
N ASP A 161 -1.40 -21.81 -10.95
CA ASP A 161 -2.51 -22.60 -10.46
C ASP A 161 -2.50 -24.01 -11.07
N LYS A 162 -2.21 -24.09 -12.38
CA LYS A 162 -2.04 -25.37 -13.04
C LYS A 162 -0.61 -25.89 -12.94
N GLU A 163 0.37 -25.04 -13.30
CA GLU A 163 1.76 -25.45 -13.41
C GLU A 163 2.32 -26.13 -12.14
N ILE A 164 1.89 -25.65 -10.97
CA ILE A 164 2.29 -26.23 -9.70
C ILE A 164 1.11 -26.99 -9.08
N GLU A 165 1.39 -28.21 -8.62
CA GLU A 165 0.41 -29.02 -7.90
C GLU A 165 0.85 -29.07 -6.43
N GLY A 166 -0.03 -28.58 -5.55
CA GLY A 166 0.27 -28.46 -4.13
C GLY A 166 0.36 -27.00 -3.69
N GLU A 167 0.46 -26.78 -2.37
CA GLU A 167 0.59 -25.46 -1.79
C GLU A 167 1.87 -24.78 -2.27
N TYR A 168 1.86 -23.44 -2.28
CA TYR A 168 3.00 -22.68 -2.76
C TYR A 168 4.07 -22.53 -1.68
N VAL A 169 3.65 -22.51 -0.41
CA VAL A 169 4.59 -22.54 0.70
C VAL A 169 5.37 -23.84 0.80
N GLU A 170 4.82 -24.93 0.21
CA GLU A 170 5.49 -26.21 0.15
C GLU A 170 6.59 -26.26 -0.91
N LEU A 171 6.54 -25.34 -1.89
CA LEU A 171 7.52 -25.29 -2.95
C LEU A 171 8.96 -25.30 -2.44
N LYS A 172 9.78 -26.17 -3.03
CA LYS A 172 11.20 -26.24 -2.72
C LYS A 172 11.99 -25.21 -3.53
N GLU A 173 11.54 -24.95 -4.76
CA GLU A 173 12.16 -23.96 -5.62
C GLU A 173 11.27 -22.73 -5.79
N PRO A 174 11.87 -21.55 -6.11
CA PRO A 174 11.08 -20.32 -6.29
C PRO A 174 10.17 -20.32 -7.51
N LEU A 175 9.25 -19.33 -7.55
CA LEU A 175 8.40 -19.10 -8.71
C LEU A 175 8.95 -17.95 -9.55
N LYS A 176 9.20 -18.23 -10.84
CA LYS A 176 9.81 -17.27 -11.75
C LYS A 176 8.81 -16.74 -12.77
N ILE A 177 8.37 -15.49 -12.54
CA ILE A 177 7.38 -14.83 -13.37
C ILE A 177 8.11 -14.27 -14.58
N PRO A 178 7.69 -14.58 -15.83
CA PRO A 178 8.42 -14.15 -17.03
C PRO A 178 8.95 -12.72 -16.99
N GLY A 179 10.29 -12.61 -17.01
CA GLY A 179 10.98 -11.32 -17.06
C GLY A 179 11.21 -10.70 -15.68
N CYS A 180 10.80 -11.41 -14.63
CA CYS A 180 10.74 -10.86 -13.28
C CYS A 180 11.49 -11.72 -12.29
N LYS A 181 11.87 -11.09 -11.16
CA LYS A 181 12.57 -11.73 -10.07
C LYS A 181 11.83 -12.95 -9.52
N ALA A 182 12.58 -13.87 -8.89
CA ALA A 182 12.04 -15.13 -8.42
C ALA A 182 11.48 -15.02 -7.00
N LEU A 183 10.21 -15.40 -6.84
CA LEU A 183 9.50 -15.27 -5.58
C LEU A 183 9.64 -16.53 -4.72
N ARG A 184 10.25 -16.36 -3.54
CA ARG A 184 10.53 -17.48 -2.65
C ARG A 184 9.29 -17.95 -1.89
N PRO A 185 9.26 -19.21 -1.41
CA PRO A 185 8.14 -19.72 -0.62
C PRO A 185 7.82 -18.95 0.67
N ASP A 186 8.75 -18.08 1.11
CA ASP A 186 8.59 -17.32 2.33
C ASP A 186 8.05 -15.90 2.09
N ASP A 187 8.09 -15.44 0.84
CA ASP A 187 7.70 -14.09 0.51
C ASP A 187 6.39 -14.05 -0.30
N VAL A 188 5.61 -15.12 -0.25
CA VAL A 188 4.36 -15.21 -0.98
C VAL A 188 3.34 -14.20 -0.44
N VAL A 189 2.40 -13.79 -1.32
CA VAL A 189 1.25 -13.01 -0.91
C VAL A 189 0.27 -13.94 -0.20
N ASP A 190 -0.48 -13.38 0.75
CA ASP A 190 -1.27 -14.18 1.68
C ASP A 190 -2.27 -15.11 1.01
N PRO A 191 -2.99 -14.69 -0.05
CA PRO A 191 -3.93 -15.57 -0.76
C PRO A 191 -3.33 -16.88 -1.31
N LEU A 192 -1.99 -16.97 -1.32
CA LEU A 192 -1.29 -18.17 -1.78
C LEU A 192 -0.79 -19.07 -0.64
N LEU A 193 -0.94 -18.63 0.61
CA LEU A 193 -0.60 -19.43 1.77
C LEU A 193 -1.50 -20.65 1.93
N ASP A 194 -2.78 -20.49 1.55
CA ASP A 194 -3.76 -21.57 1.61
C ASP A 194 -4.55 -21.68 0.30
N ARG A 195 -4.30 -22.77 -0.44
CA ARG A 195 -5.04 -23.07 -1.66
C ARG A 195 -6.41 -23.67 -1.37
N SER A 196 -6.66 -24.09 -0.12
CA SER A 196 -7.94 -24.70 0.25
C SER A 196 -8.92 -23.72 0.91
N ASP A 197 -8.56 -22.42 0.92
CA ASP A 197 -9.50 -21.37 1.26
C ASP A 197 -10.09 -20.81 -0.03
N GLN A 198 -11.14 -19.98 0.10
CA GLN A 198 -11.77 -19.34 -1.04
C GLN A 198 -10.97 -18.15 -1.57
N GLN A 199 -10.15 -17.53 -0.71
CA GLN A 199 -9.43 -16.31 -1.06
C GLN A 199 -8.44 -16.54 -2.20
N TYR A 200 -7.87 -17.75 -2.26
CA TYR A 200 -7.00 -18.17 -3.36
C TYR A 200 -7.74 -18.10 -4.69
N GLU A 201 -8.92 -18.74 -4.73
CA GLU A 201 -9.76 -18.77 -5.91
C GLU A 201 -10.10 -17.34 -6.37
N GLU A 202 -10.51 -16.50 -5.42
CA GLU A 202 -10.77 -15.09 -5.69
C GLU A 202 -9.56 -14.39 -6.32
N TYR A 203 -8.36 -14.70 -5.81
CA TYR A 203 -7.12 -14.10 -6.29
C TYR A 203 -6.80 -14.49 -7.73
N VAL A 204 -7.01 -15.77 -8.08
CA VAL A 204 -6.82 -16.25 -9.44
C VAL A 204 -7.87 -15.62 -10.36
N LYS A 205 -9.09 -15.50 -9.86
CA LYS A 205 -10.18 -14.83 -10.54
C LYS A 205 -9.83 -13.37 -10.81
N LEU A 206 -9.28 -12.70 -9.78
CA LEU A 206 -8.79 -11.34 -9.88
C LEU A 206 -7.79 -11.23 -11.02
N GLY A 207 -6.73 -12.04 -10.93
CA GLY A 207 -5.71 -12.12 -11.98
C GLY A 207 -6.27 -12.29 -13.38
N LYS A 208 -7.37 -13.03 -13.50
CA LYS A 208 -8.06 -13.21 -14.76
C LYS A 208 -8.91 -12.00 -15.15
N GLU A 209 -9.42 -11.27 -14.15
CA GLU A 209 -10.27 -10.11 -14.37
C GLU A 209 -9.51 -8.90 -14.93
N TYR A 210 -8.33 -8.62 -14.37
CA TYR A 210 -7.46 -7.55 -14.87
C TYR A 210 -7.40 -7.44 -16.39
N THR A 211 -7.27 -8.59 -17.05
CA THR A 211 -7.03 -8.66 -18.48
C THR A 211 -8.28 -8.35 -19.32
N ASP A 212 -9.38 -7.97 -18.65
CA ASP A 212 -10.60 -7.53 -19.33
C ASP A 212 -10.76 -6.01 -19.38
N PHE A 213 -10.01 -5.28 -18.55
CA PHE A 213 -10.10 -3.83 -18.50
C PHE A 213 -9.32 -3.19 -19.64
N ASP A 214 -9.65 -1.93 -19.92
CA ASP A 214 -9.06 -1.19 -21.03
C ASP A 214 -7.69 -0.62 -20.69
N GLY A 215 -7.26 -0.83 -19.44
CA GLY A 215 -5.94 -0.43 -18.99
C GLY A 215 -5.74 -0.77 -17.52
N ILE A 216 -4.50 -0.62 -17.05
CA ILE A 216 -4.15 -0.92 -15.67
C ILE A 216 -3.20 0.15 -15.13
N LEU A 217 -3.71 0.95 -14.20
CA LEU A 217 -2.90 1.95 -13.50
C LEU A 217 -2.18 1.26 -12.35
N ILE A 218 -0.93 1.66 -12.11
CA ILE A 218 -0.13 1.05 -11.05
C ILE A 218 0.62 2.13 -10.28
N ASN A 219 0.57 2.05 -8.94
CA ASN A 219 1.21 3.06 -8.10
C ASN A 219 2.71 2.77 -8.04
N THR A 220 3.41 3.08 -9.14
CA THR A 220 4.85 2.95 -9.23
C THR A 220 5.40 3.79 -10.39
N TRP A 221 6.73 3.78 -10.56
CA TRP A 221 7.39 4.49 -11.65
C TRP A 221 8.47 3.63 -12.29
N GLU A 222 9.10 4.16 -13.34
CA GLU A 222 10.01 3.40 -14.18
C GLU A 222 11.29 2.97 -13.45
N ASP A 223 12.04 3.96 -12.93
CA ASP A 223 13.28 3.70 -12.20
C ASP A 223 13.15 2.61 -11.13
N LEU A 224 12.03 2.63 -10.39
CA LEU A 224 11.82 1.70 -9.29
C LEU A 224 11.63 0.27 -9.78
N GLU A 225 10.75 0.11 -10.79
CA GLU A 225 10.49 -1.21 -11.34
C GLU A 225 10.62 -1.19 -12.87
N PRO A 226 11.84 -0.98 -13.41
CA PRO A 226 12.03 -0.93 -14.87
C PRO A 226 11.87 -2.30 -15.51
N GLU A 227 12.50 -3.30 -14.90
CA GLU A 227 12.46 -4.67 -15.37
C GLU A 227 11.03 -5.19 -15.42
N THR A 228 10.31 -5.04 -14.30
CA THR A 228 8.96 -5.55 -14.16
C THR A 228 7.97 -4.88 -15.12
N ILE A 229 7.97 -3.54 -15.12
CA ILE A 229 7.11 -2.77 -16.01
C ILE A 229 7.32 -3.17 -17.48
N ASN A 230 8.60 -3.30 -17.88
CA ASN A 230 8.94 -3.66 -19.23
C ASN A 230 8.73 -5.16 -19.52
N ALA A 231 8.54 -5.95 -18.45
CA ALA A 231 8.10 -7.34 -18.58
C ALA A 231 6.62 -7.40 -18.93
N LEU A 232 5.80 -6.70 -18.13
CA LEU A 232 4.37 -6.56 -18.37
C LEU A 232 4.07 -6.09 -19.78
N ARG A 233 4.73 -5.00 -20.18
CA ARG A 233 4.52 -4.38 -21.48
C ARG A 233 4.98 -5.23 -22.66
N TYR A 234 6.15 -5.88 -22.54
CA TYR A 234 6.84 -6.42 -23.70
C TYR A 234 7.08 -7.94 -23.74
N ASN A 235 7.25 -8.58 -22.59
CA ASN A 235 7.53 -10.00 -22.57
C ASN A 235 6.43 -10.79 -23.27
N GLU A 236 6.82 -11.65 -24.23
CA GLU A 236 5.91 -12.44 -25.03
C GLU A 236 4.94 -13.26 -24.18
N LYS A 237 5.49 -13.99 -23.19
CA LYS A 237 4.71 -14.89 -22.35
C LYS A 237 3.62 -14.16 -21.57
N LEU A 238 3.97 -12.98 -21.04
CA LEU A 238 3.02 -12.15 -20.31
C LEU A 238 2.00 -11.47 -21.22
N ARG A 239 2.43 -11.06 -22.42
CA ARG A 239 1.56 -10.40 -23.38
C ARG A 239 0.56 -11.35 -24.05
N LEU A 240 0.73 -12.66 -23.84
CA LEU A 240 -0.26 -13.64 -24.24
C LEU A 240 -1.37 -13.80 -23.21
N LEU A 241 -1.19 -13.20 -22.02
CA LEU A 241 -2.21 -13.09 -21.00
C LEU A 241 -2.81 -11.68 -20.91
N LEU A 242 -1.95 -10.66 -21.00
CA LEU A 242 -2.29 -9.30 -20.64
C LEU A 242 -2.94 -8.53 -21.79
N LYS A 243 -2.16 -8.18 -22.82
CA LYS A 243 -2.67 -7.54 -24.02
C LYS A 243 -3.32 -6.16 -23.84
N VAL A 244 -3.14 -5.56 -22.66
CA VAL A 244 -3.67 -4.24 -22.35
C VAL A 244 -2.51 -3.31 -22.03
N PRO A 245 -2.65 -1.97 -22.20
CA PRO A 245 -1.61 -1.04 -21.76
C PRO A 245 -1.38 -1.04 -20.25
N VAL A 246 -0.25 -0.46 -19.83
CA VAL A 246 0.11 -0.35 -18.42
C VAL A 246 0.60 1.07 -18.13
N PHE A 247 0.14 1.64 -17.00
CA PHE A 247 0.36 3.05 -16.69
C PHE A 247 1.04 3.26 -15.33
N PRO A 248 2.40 3.34 -15.31
CA PRO A 248 3.12 3.68 -14.08
C PRO A 248 3.00 5.16 -13.74
N ILE A 249 2.08 5.45 -12.80
CA ILE A 249 1.68 6.81 -12.48
C ILE A 249 2.23 7.32 -11.14
N GLY A 250 2.73 6.40 -10.32
CA GLY A 250 3.23 6.73 -8.99
C GLY A 250 4.57 7.46 -9.00
N PRO A 251 5.16 7.78 -7.81
CA PRO A 251 4.57 7.46 -6.52
C PRO A 251 3.52 8.46 -6.02
N LEU A 252 2.24 8.04 -6.03
CA LEU A 252 1.15 8.84 -5.55
C LEU A 252 0.99 8.70 -4.04
N ARG A 253 0.97 9.83 -3.33
CA ARG A 253 0.84 9.84 -1.87
C ARG A 253 0.13 11.09 -1.35
N ARG A 254 -0.46 10.98 -0.15
CA ARG A 254 -1.01 12.12 0.55
C ARG A 254 0.03 13.23 0.63
N LYS A 255 -0.41 14.49 0.57
CA LYS A 255 0.49 15.62 0.69
C LYS A 255 0.50 16.13 2.13
N VAL A 256 1.68 16.56 2.58
CA VAL A 256 1.89 16.93 3.98
C VAL A 256 0.89 18.02 4.35
N GLU A 257 0.05 17.72 5.35
CA GLU A 257 -0.97 18.65 5.83
C GLU A 257 -0.39 19.60 6.88
N THR A 258 -1.22 20.52 7.39
CA THR A 258 -0.82 21.45 8.43
C THR A 258 -1.64 21.27 9.71
N THR A 259 -0.95 21.00 10.82
CA THR A 259 -1.57 20.84 12.11
C THR A 259 -0.67 21.48 13.18
N LEU A 260 -0.87 22.79 13.40
CA LEU A 260 -0.14 23.56 14.39
C LEU A 260 0.12 22.76 15.67
N ASN A 261 -0.99 22.39 16.34
CA ASN A 261 -0.93 21.60 17.56
C ASN A 261 -0.86 20.12 17.18
N ASP A 262 0.31 19.52 17.44
CA ASP A 262 0.56 18.12 17.16
C ASP A 262 1.79 17.71 17.96
N GLU A 263 1.57 17.24 19.20
CA GLU A 263 2.62 17.08 20.18
C GLU A 263 3.82 16.32 19.59
N VAL A 264 3.54 15.25 18.85
CA VAL A 264 4.58 14.52 18.13
C VAL A 264 5.55 15.52 17.51
N ILE A 265 5.00 16.41 16.68
CA ILE A 265 5.79 17.40 15.96
C ILE A 265 6.57 18.29 16.93
N GLN A 266 5.89 18.79 17.96
CA GLN A 266 6.52 19.69 18.92
C GLN A 266 7.73 19.06 19.58
N TRP A 267 7.65 17.75 19.86
CA TRP A 267 8.77 17.00 20.40
C TRP A 267 9.87 16.80 19.35
N LEU A 268 9.48 16.48 18.11
CA LEU A 268 10.41 16.25 17.02
C LEU A 268 11.22 17.51 16.66
N ASP A 269 10.60 18.68 16.84
CA ASP A 269 11.25 19.96 16.62
C ASP A 269 12.43 20.18 17.55
N LYS A 270 12.45 19.44 18.67
CA LYS A 270 13.57 19.47 19.60
C LYS A 270 14.67 18.46 19.28
N GLN A 271 14.40 17.56 18.33
CA GLN A 271 15.35 16.50 18.00
C GLN A 271 16.20 16.87 16.79
N ASN A 272 17.42 16.29 16.74
CA ASN A 272 18.36 16.53 15.67
C ASN A 272 17.91 15.90 14.35
N ASN A 273 18.47 16.38 13.24
CA ASN A 273 18.19 15.83 11.93
C ASN A 273 18.43 14.32 11.90
N GLU A 274 17.48 13.60 11.31
CA GLU A 274 17.60 12.16 11.08
C GLU A 274 17.99 11.38 12.34
N SER A 275 17.61 11.89 13.52
CA SER A 275 17.98 11.28 14.77
C SER A 275 16.97 10.22 15.25
N VAL A 276 15.73 10.35 14.78
CA VAL A 276 14.61 9.56 15.27
C VAL A 276 14.27 8.40 14.34
N LEU A 277 13.93 7.24 14.94
CA LEU A 277 13.30 6.14 14.23
C LEU A 277 11.80 6.14 14.52
N PHE A 278 10.99 6.18 13.45
CA PHE A 278 9.55 6.07 13.57
C PHE A 278 9.14 4.60 13.51
N VAL A 279 8.08 4.23 14.25
CA VAL A 279 7.61 2.86 14.31
C VAL A 279 6.09 2.83 14.24
N SER A 280 5.55 2.25 13.15
CA SER A 280 4.10 2.10 13.02
C SER A 280 3.70 1.14 11.89
N PHE A 281 2.84 0.17 12.23
CA PHE A 281 2.52 -0.96 11.38
C PHE A 281 1.24 -0.80 10.55
N GLY A 282 0.81 0.45 10.33
CA GLY A 282 -0.37 0.72 9.53
C GLY A 282 -1.69 0.33 10.18
N SER A 283 -2.78 0.79 9.57
CA SER A 283 -4.12 0.70 10.14
C SER A 283 -4.64 -0.72 10.33
N GLY A 284 -3.98 -1.70 9.70
CA GLY A 284 -4.33 -3.10 9.87
C GLY A 284 -3.48 -3.80 10.94
N GLY A 285 -2.21 -3.38 11.06
CA GLY A 285 -1.23 -4.07 11.86
C GLY A 285 -1.56 -4.12 13.35
N THR A 286 -1.35 -5.30 13.96
CA THR A 286 -1.46 -5.50 15.39
C THR A 286 -0.54 -6.65 15.82
N LEU A 287 0.38 -6.35 16.76
CA LEU A 287 1.30 -7.34 17.28
C LEU A 287 0.62 -8.27 18.29
N SER A 288 1.32 -9.36 18.65
CA SER A 288 0.95 -10.17 19.79
C SER A 288 1.71 -9.69 21.02
N THR A 289 1.16 -9.98 22.21
CA THR A 289 1.57 -9.36 23.45
C THR A 289 3.08 -9.51 23.73
N LYS A 290 3.60 -10.73 23.52
CA LYS A 290 5.01 -11.00 23.74
C LYS A 290 5.87 -10.19 22.78
N GLN A 291 5.59 -10.31 21.47
CA GLN A 291 6.29 -9.56 20.45
C GLN A 291 6.39 -8.08 20.83
N MET A 292 5.29 -7.52 21.32
CA MET A 292 5.24 -6.13 21.74
C MET A 292 6.19 -5.85 22.91
N THR A 293 6.31 -6.82 23.83
CA THR A 293 7.23 -6.71 24.96
C THR A 293 8.69 -6.74 24.52
N GLU A 294 9.01 -7.62 23.56
CA GLU A 294 10.35 -7.72 23.01
C GLU A 294 10.73 -6.48 22.20
N LEU A 295 9.76 -5.97 21.43
CA LEU A 295 9.94 -4.75 20.65
C LEU A 295 10.20 -3.55 21.57
N ALA A 296 9.48 -3.52 22.69
CA ALA A 296 9.68 -2.50 23.72
C ALA A 296 11.09 -2.56 24.30
N TRP A 297 11.50 -3.74 24.76
CA TRP A 297 12.85 -3.92 25.27
C TRP A 297 13.92 -3.66 24.20
N GLY A 298 13.62 -4.03 22.95
CA GLY A 298 14.49 -3.72 21.83
C GLY A 298 14.74 -2.22 21.73
N LEU A 299 13.65 -1.46 21.58
CA LEU A 299 13.71 -0.01 21.54
C LEU A 299 14.44 0.61 22.73
N GLU A 300 14.23 0.01 23.92
CA GLU A 300 14.90 0.43 25.14
C GLU A 300 16.41 0.22 25.08
N LEU A 301 16.81 -0.98 24.63
CA LEU A 301 18.20 -1.41 24.64
C LEU A 301 19.04 -0.82 23.50
N SER A 302 18.38 -0.31 22.45
CA SER A 302 19.06 0.25 21.30
C SER A 302 19.80 1.56 21.62
N GLN A 303 19.33 2.29 22.63
CA GLN A 303 19.87 3.60 22.98
C GLN A 303 19.75 4.55 21.80
N GLN A 304 18.62 4.46 21.09
CA GLN A 304 18.31 5.33 19.97
C GLN A 304 16.99 6.04 20.21
N LYS A 305 16.83 7.24 19.64
CA LYS A 305 15.61 8.01 19.82
C LYS A 305 14.52 7.54 18.86
N PHE A 306 13.30 7.43 19.38
CA PHE A 306 12.20 6.84 18.62
C PHE A 306 10.84 7.49 18.88
N VAL A 307 9.90 7.20 17.97
CA VAL A 307 8.49 7.52 18.15
C VAL A 307 7.70 6.29 17.73
N TRP A 308 6.76 5.84 18.57
CA TRP A 308 6.10 4.56 18.36
C TRP A 308 4.57 4.62 18.46
N VAL A 309 3.90 4.44 17.31
CA VAL A 309 2.45 4.34 17.27
C VAL A 309 2.03 2.93 17.69
N VAL A 310 1.60 2.79 18.94
CA VAL A 310 1.27 1.49 19.51
C VAL A 310 -0.24 1.24 19.48
N ARG A 311 -0.63 0.04 19.05
CA ARG A 311 -2.02 -0.41 19.15
C ARG A 311 -2.11 -1.50 20.22
N PRO A 312 -3.32 -1.78 20.77
CA PRO A 312 -3.47 -2.86 21.75
C PRO A 312 -3.07 -4.22 21.19
N PRO A 313 -2.41 -5.09 21.99
CA PRO A 313 -1.84 -6.34 21.48
C PRO A 313 -2.86 -7.45 21.30
N SER A 314 -3.16 -7.78 20.03
CA SER A 314 -4.05 -8.88 19.71
C SER A 314 -3.26 -10.19 19.63
N ASP A 315 -3.70 -11.17 20.42
CA ASP A 315 -3.17 -12.53 20.35
C ASP A 315 -4.12 -13.42 19.54
N GLY A 316 -5.13 -12.81 18.90
CA GLY A 316 -6.11 -13.52 18.11
C GLY A 316 -5.88 -13.40 16.62
N ASP A 329 -9.27 -5.21 22.61
CA ASP A 329 -8.35 -5.05 23.73
C ASP A 329 -8.20 -3.58 24.13
N THR A 330 -9.33 -2.85 24.17
CA THR A 330 -9.31 -1.43 24.51
C THR A 330 -8.69 -1.21 25.88
N ARG A 331 -7.49 -0.62 25.89
CA ARG A 331 -6.70 -0.48 27.10
C ARG A 331 -5.86 0.79 27.13
N ASP A 332 -5.57 1.28 28.34
CA ASP A 332 -4.64 2.38 28.57
C ASP A 332 -3.21 1.93 28.24
N MET A 333 -2.36 2.90 27.87
CA MET A 333 -0.99 2.64 27.45
C MET A 333 -0.15 1.84 28.44
N SER A 334 -0.37 2.09 29.74
CA SER A 334 0.34 1.36 30.79
C SER A 334 -0.07 -0.11 30.89
N GLU A 335 -1.32 -0.40 30.52
CA GLU A 335 -1.91 -1.71 30.73
C GLU A 335 -1.30 -2.80 29.84
N TYR A 336 -0.80 -2.42 28.66
CA TYR A 336 -0.27 -3.40 27.71
C TYR A 336 1.23 -3.34 27.44
N LEU A 337 1.92 -2.31 27.95
CA LEU A 337 3.36 -2.18 27.78
C LEU A 337 4.12 -2.72 28.99
N PRO A 338 5.43 -3.07 28.85
CA PRO A 338 6.23 -3.55 29.97
C PRO A 338 6.29 -2.58 31.16
N GLU A 339 6.40 -3.13 32.37
CA GLU A 339 6.27 -2.36 33.59
C GLU A 339 7.43 -1.38 33.75
N GLY A 340 7.08 -0.09 33.89
CA GLY A 340 8.07 0.97 34.02
C GLY A 340 8.67 1.45 32.70
N PHE A 341 8.27 0.82 31.58
CA PHE A 341 8.80 1.14 30.27
C PHE A 341 8.73 2.64 30.00
N LEU A 342 7.50 3.17 30.04
CA LEU A 342 7.26 4.58 29.78
C LEU A 342 8.09 5.48 30.68
N THR A 343 8.20 5.10 31.96
CA THR A 343 8.99 5.84 32.94
C THR A 343 10.46 5.92 32.55
N ARG A 344 11.02 4.77 32.16
CA ARG A 344 12.43 4.69 31.80
C ARG A 344 12.73 5.42 30.50
N THR A 345 11.91 5.18 29.47
CA THR A 345 12.12 5.73 28.15
C THR A 345 11.61 7.15 27.95
N LYS A 346 11.14 7.79 29.02
CA LYS A 346 10.52 9.10 28.96
C LYS A 346 11.28 10.10 28.10
N ASP A 347 12.62 10.06 28.19
CA ASP A 347 13.48 11.00 27.48
C ASP A 347 13.92 10.49 26.11
N MET A 348 13.96 9.16 25.95
CA MET A 348 14.49 8.53 24.75
C MET A 348 13.45 8.29 23.66
N GLY A 349 12.17 8.20 24.05
CA GLY A 349 11.11 7.92 23.10
C GLY A 349 9.79 8.64 23.36
N LEU A 350 8.93 8.64 22.33
CA LEU A 350 7.57 9.14 22.44
C LEU A 350 6.59 8.04 22.03
N VAL A 351 5.70 7.65 22.95
CA VAL A 351 4.69 6.65 22.68
C VAL A 351 3.41 7.34 22.20
N VAL A 352 2.79 6.79 21.16
CA VAL A 352 1.60 7.37 20.54
C VAL A 352 0.52 6.31 20.38
N PRO A 353 -0.58 6.37 21.16
CA PRO A 353 -1.62 5.35 21.11
C PRO A 353 -2.54 5.46 19.90
N MET A 354 -2.78 4.31 19.24
CA MET A 354 -3.74 4.15 18.16
C MET A 354 -3.24 4.77 16.84
N TRP A 355 -3.25 6.10 16.76
CA TRP A 355 -2.98 6.80 15.51
C TRP A 355 -1.95 7.91 15.69
N ALA A 356 -1.09 8.09 14.67
CA ALA A 356 -0.26 9.27 14.54
C ALA A 356 -0.21 9.71 13.08
N ASN A 357 -0.15 11.04 12.86
CA ASN A 357 -0.25 11.61 11.54
C ASN A 357 1.03 11.27 10.76
N GLN A 358 0.92 10.27 9.88
CA GLN A 358 2.06 9.51 9.39
C GLN A 358 2.95 10.24 8.39
N VAL A 359 2.31 10.92 7.41
CA VAL A 359 3.02 11.63 6.36
C VAL A 359 3.84 12.79 6.92
N GLU A 360 3.27 13.50 7.91
CA GLU A 360 3.89 14.68 8.49
C GLU A 360 5.12 14.32 9.32
N ILE A 361 5.02 13.24 10.10
CA ILE A 361 6.14 12.72 10.85
C ILE A 361 7.24 12.24 9.89
N LEU A 362 6.85 11.44 8.89
CA LEU A 362 7.79 10.94 7.90
C LEU A 362 8.57 12.04 7.19
N SER A 363 7.90 13.17 6.90
CA SER A 363 8.53 14.29 6.24
C SER A 363 9.49 15.07 7.15
N HIS A 364 9.28 14.99 8.47
CA HIS A 364 9.99 15.85 9.41
C HIS A 364 11.49 15.55 9.39
N SER A 365 12.27 16.63 9.55
CA SER A 365 13.72 16.60 9.46
C SER A 365 14.41 15.65 10.43
N SER A 366 13.86 15.54 11.64
CA SER A 366 14.45 14.73 12.69
C SER A 366 14.18 13.23 12.54
N VAL A 367 13.37 12.85 11.55
CA VAL A 367 13.12 11.45 11.26
C VAL A 367 14.13 10.93 10.23
N GLY A 368 14.90 9.91 10.63
CA GLY A 368 15.88 9.29 9.76
C GLY A 368 15.77 7.77 9.74
N GLY A 369 14.56 7.26 10.02
CA GLY A 369 14.29 5.83 10.03
C GLY A 369 12.81 5.52 10.17
N PHE A 370 12.39 4.38 9.60
CA PHE A 370 10.99 3.94 9.67
C PHE A 370 10.87 2.42 9.70
N LEU A 371 10.57 1.89 10.89
CA LEU A 371 10.15 0.51 11.04
C LEU A 371 8.72 0.40 10.54
N THR A 372 8.51 -0.36 9.45
CA THR A 372 7.22 -0.43 8.79
C THR A 372 6.72 -1.86 8.60
N HIS A 373 5.42 -1.99 8.30
CA HIS A 373 4.84 -3.29 7.96
C HIS A 373 5.04 -3.59 6.49
N CYS A 374 5.70 -2.69 5.75
CA CYS A 374 5.96 -2.84 4.32
C CYS A 374 4.70 -2.69 3.48
N GLY A 375 3.67 -2.09 4.07
CA GLY A 375 2.47 -1.72 3.33
C GLY A 375 2.84 -0.64 2.32
N TRP A 376 2.36 -0.80 1.09
CA TRP A 376 2.86 0.01 -0.01
C TRP A 376 2.63 1.50 0.19
N ASN A 377 1.44 1.88 0.69
CA ASN A 377 1.12 3.27 0.96
C ASN A 377 2.19 3.92 1.85
N SER A 378 2.43 3.30 3.01
CA SER A 378 3.44 3.74 3.94
C SER A 378 4.84 3.74 3.32
N THR A 379 5.17 2.64 2.64
CA THR A 379 6.44 2.50 1.93
C THR A 379 6.69 3.72 1.04
N VAL A 380 5.71 4.02 0.17
CA VAL A 380 5.78 5.14 -0.74
C VAL A 380 6.05 6.43 0.04
N GLU A 381 5.30 6.61 1.13
CA GLU A 381 5.46 7.81 1.95
C GLU A 381 6.88 7.94 2.49
N SER A 382 7.51 6.80 2.83
CA SER A 382 8.88 6.80 3.33
C SER A 382 9.94 7.19 2.31
N LEU A 383 9.86 6.57 1.12
CA LEU A 383 10.82 6.81 0.06
C LEU A 383 10.74 8.25 -0.46
N THR A 384 9.51 8.77 -0.59
CA THR A 384 9.27 10.12 -1.05
C THR A 384 9.84 11.20 -0.13
N ASN A 385 10.14 10.82 1.13
CA ASN A 385 10.82 11.70 2.06
C ASN A 385 12.28 11.32 2.26
N GLY A 386 12.72 10.24 1.59
CA GLY A 386 14.10 9.79 1.63
C GLY A 386 14.48 9.21 2.99
N VAL A 387 13.59 8.36 3.52
CA VAL A 387 13.78 7.78 4.84
C VAL A 387 14.06 6.28 4.70
N PRO A 388 15.14 5.77 5.33
CA PRO A 388 15.42 4.33 5.31
C PRO A 388 14.46 3.55 6.20
N MET A 389 14.30 2.25 5.92
CA MET A 389 13.25 1.46 6.55
C MET A 389 13.76 0.20 7.24
N ILE A 390 12.97 -0.28 8.20
CA ILE A 390 13.14 -1.62 8.75
C ILE A 390 11.86 -2.39 8.41
N ALA A 391 12.00 -3.38 7.51
CA ALA A 391 10.89 -4.15 6.99
C ALA A 391 10.39 -5.17 8.00
N TRP A 392 9.11 -5.06 8.35
CA TRP A 392 8.46 -5.91 9.32
C TRP A 392 7.13 -6.34 8.71
N PRO A 393 7.14 -7.20 7.66
CA PRO A 393 5.91 -7.54 6.94
C PRO A 393 4.92 -8.33 7.80
N LEU A 394 3.62 -8.12 7.56
CA LEU A 394 2.58 -8.71 8.36
C LEU A 394 1.49 -9.40 7.55
N HIS A 395 0.91 -8.70 6.57
CA HIS A 395 -0.20 -9.24 5.82
C HIS A 395 -0.17 -8.77 4.36
N ALA A 396 -1.30 -8.95 3.66
CA ALA A 396 -1.50 -8.42 2.32
C ALA A 396 -0.47 -8.97 1.34
N GLU A 397 0.32 -8.08 0.73
CA GLU A 397 1.43 -8.44 -0.13
C GLU A 397 2.76 -8.09 0.53
N GLN A 398 2.69 -7.65 1.79
CA GLN A 398 3.80 -6.96 2.45
C GLN A 398 5.08 -7.78 2.56
N LYS A 399 4.92 -9.11 2.63
CA LYS A 399 6.05 -10.02 2.70
C LYS A 399 6.82 -10.07 1.38
N MET A 400 6.09 -9.85 0.28
CA MET A 400 6.67 -9.80 -1.06
C MET A 400 7.34 -8.45 -1.31
N ASN A 401 6.72 -7.37 -0.84
CA ASN A 401 7.29 -6.03 -0.93
C ASN A 401 8.55 -5.86 -0.08
N ALA A 402 8.63 -6.60 1.04
CA ALA A 402 9.79 -6.53 1.92
C ALA A 402 11.07 -7.00 1.23
N ALA A 403 10.98 -8.18 0.60
CA ALA A 403 12.10 -8.73 -0.15
C ALA A 403 12.55 -7.76 -1.25
N MET A 404 11.57 -7.12 -1.91
CA MET A 404 11.84 -6.19 -3.00
C MET A 404 12.65 -5.00 -2.49
N LEU A 405 12.21 -4.42 -1.37
CA LEU A 405 12.92 -3.31 -0.73
C LEU A 405 14.34 -3.68 -0.33
N THR A 406 14.48 -4.84 0.33
CA THR A 406 15.74 -5.25 0.92
C THR A 406 16.73 -5.78 -0.13
N GLU A 407 16.40 -6.94 -0.72
CA GLU A 407 17.27 -7.61 -1.67
C GLU A 407 17.61 -6.72 -2.86
N GLU A 408 16.57 -6.29 -3.59
CA GLU A 408 16.73 -5.60 -4.86
C GLU A 408 17.10 -4.12 -4.71
N LEU A 409 16.38 -3.41 -3.84
CA LEU A 409 16.51 -1.96 -3.74
C LEU A 409 17.53 -1.49 -2.69
N GLY A 410 17.69 -2.29 -1.61
CA GLY A 410 18.69 -1.99 -0.60
C GLY A 410 18.40 -0.72 0.19
N VAL A 411 17.11 -0.40 0.35
CA VAL A 411 16.67 0.76 1.11
C VAL A 411 16.13 0.36 2.47
N ALA A 412 15.97 -0.95 2.69
CA ALA A 412 15.42 -1.48 3.92
C ALA A 412 16.24 -2.68 4.40
N ILE A 413 16.22 -2.94 5.71
CA ILE A 413 16.73 -4.18 6.27
C ILE A 413 15.57 -4.92 6.93
N ARG A 414 15.76 -6.22 7.21
CA ARG A 414 14.74 -7.02 7.85
C ARG A 414 15.37 -8.05 8.79
N PRO A 415 14.60 -8.63 9.74
CA PRO A 415 15.11 -9.72 10.57
C PRO A 415 15.56 -10.94 9.77
N ALA A 416 16.21 -11.88 10.46
CA ALA A 416 16.66 -13.13 9.87
C ALA A 416 15.47 -14.01 9.49
N VAL A 417 14.49 -14.07 10.39
CA VAL A 417 13.25 -14.78 10.14
C VAL A 417 12.12 -13.76 10.06
N LEU A 418 11.25 -13.91 9.04
CA LEU A 418 10.11 -13.03 8.87
C LEU A 418 9.27 -13.03 10.15
N PRO A 419 8.92 -11.84 10.71
CA PRO A 419 8.27 -11.77 12.03
C PRO A 419 6.87 -12.39 12.13
N THR A 420 6.31 -12.75 10.97
CA THR A 420 5.07 -13.53 10.92
C THR A 420 5.31 -14.98 11.37
N LYS A 421 6.45 -15.55 10.97
CA LYS A 421 6.78 -16.94 11.24
C LYS A 421 7.32 -17.19 12.64
N LYS A 422 8.12 -16.25 13.16
CA LYS A 422 8.75 -16.41 14.46
C LYS A 422 9.03 -15.07 15.14
N LEU A 423 8.86 -15.07 16.47
CA LEU A 423 9.14 -13.90 17.29
C LEU A 423 10.53 -13.34 16.98
N VAL A 424 10.62 -12.00 16.93
CA VAL A 424 11.90 -11.32 16.75
C VAL A 424 12.30 -10.73 18.11
N LYS A 425 13.27 -11.36 18.76
CA LYS A 425 13.63 -11.03 20.15
C LYS A 425 14.50 -9.77 20.23
N ARG A 426 14.68 -9.27 21.46
CA ARG A 426 15.26 -7.96 21.69
C ARG A 426 16.73 -7.84 21.30
N GLU A 427 17.39 -8.97 21.02
CA GLU A 427 18.79 -9.00 20.63
C GLU A 427 18.93 -8.58 19.16
N GLU A 428 18.15 -9.24 18.30
CA GLU A 428 18.11 -8.94 16.89
C GLU A 428 17.50 -7.56 16.63
N ILE A 429 16.50 -7.17 17.44
CA ILE A 429 15.88 -5.86 17.33
C ILE A 429 16.91 -4.77 17.64
N GLN A 430 17.55 -4.88 18.80
CA GLN A 430 18.59 -3.94 19.21
C GLN A 430 19.59 -3.76 18.06
N GLY A 431 20.20 -4.87 17.65
CA GLY A 431 21.16 -4.87 16.56
C GLY A 431 20.66 -4.14 15.31
N MET A 432 19.44 -4.51 14.87
CA MET A 432 18.84 -3.95 13.68
C MET A 432 18.64 -2.43 13.77
N VAL A 433 18.35 -1.94 14.98
CA VAL A 433 18.15 -0.51 15.20
C VAL A 433 19.47 0.22 15.05
N ARG A 434 20.47 -0.20 15.85
CA ARG A 434 21.78 0.43 15.85
C ARG A 434 22.35 0.54 14.43
N ILE A 435 22.20 -0.54 13.66
CA ILE A 435 22.63 -0.59 12.27
C ILE A 435 22.12 0.60 11.47
N LEU A 436 20.79 0.66 11.29
CA LEU A 436 20.18 1.64 10.39
C LEU A 436 20.58 3.07 10.72
N MET A 437 20.67 3.38 12.03
CA MET A 437 20.78 4.75 12.47
C MET A 437 22.22 5.26 12.55
N GLN A 438 23.13 4.47 13.14
CA GLN A 438 24.47 4.96 13.43
C GLN A 438 25.65 4.26 12.74
N THR A 439 25.45 3.05 12.20
CA THR A 439 26.51 2.38 11.48
C THR A 439 26.64 2.95 10.07
N LYS A 440 27.82 2.77 9.47
CA LYS A 440 28.10 3.31 8.15
C LYS A 440 27.23 2.62 7.10
N GLU A 441 27.01 1.31 7.26
CA GLU A 441 26.07 0.58 6.41
C GLU A 441 24.69 1.23 6.50
N GLY A 442 24.27 1.58 7.72
CA GLY A 442 23.06 2.35 7.92
C GLY A 442 23.02 3.63 7.08
N LYS A 443 24.18 4.29 6.97
CA LYS A 443 24.33 5.52 6.20
C LYS A 443 24.27 5.26 4.69
N ARG A 444 24.72 4.08 4.27
CA ARG A 444 24.64 3.66 2.88
C ARG A 444 23.19 3.47 2.44
N ILE A 445 22.39 2.83 3.31
CA ILE A 445 20.98 2.56 3.03
C ILE A 445 20.13 3.82 2.99
N LYS A 446 20.43 4.77 3.89
CA LYS A 446 19.77 6.06 3.90
C LYS A 446 20.02 6.83 2.60
N GLU A 447 21.30 6.90 2.20
CA GLU A 447 21.68 7.56 0.96
C GLU A 447 21.05 6.91 -0.27
N LYS A 448 20.76 5.61 -0.17
CA LYS A 448 20.00 4.92 -1.21
C LYS A 448 18.55 5.41 -1.28
N ALA A 449 17.89 5.50 -0.11
CA ALA A 449 16.53 6.01 -0.04
C ALA A 449 16.44 7.43 -0.59
N LYS A 450 17.46 8.24 -0.29
CA LYS A 450 17.52 9.61 -0.77
C LYS A 450 17.52 9.67 -2.30
N LYS A 451 18.38 8.85 -2.93
CA LYS A 451 18.44 8.81 -4.38
C LYS A 451 17.11 8.40 -5.01
N LEU A 452 16.42 7.44 -4.37
CA LEU A 452 15.10 7.00 -4.84
C LEU A 452 14.04 8.09 -4.67
N LYS A 453 14.23 8.95 -3.65
CA LYS A 453 13.42 10.14 -3.48
C LYS A 453 13.58 11.08 -4.67
N LYS A 454 14.83 11.27 -5.11
CA LYS A 454 15.11 12.09 -6.28
C LYS A 454 14.39 11.51 -7.50
N SER A 455 14.60 10.21 -7.77
CA SER A 455 13.97 9.55 -8.90
C SER A 455 12.45 9.72 -8.88
N ALA A 456 11.86 9.67 -7.69
CA ALA A 456 10.43 9.93 -7.52
C ALA A 456 10.05 11.35 -7.93
N GLU A 457 10.88 12.33 -7.50
CA GLU A 457 10.67 13.72 -7.84
C GLU A 457 11.00 14.04 -9.31
N ASN A 458 11.63 13.09 -10.00
CA ASN A 458 11.95 13.20 -11.42
C ASN A 458 10.88 12.58 -12.31
N ALA A 459 10.28 11.47 -11.84
CA ALA A 459 9.19 10.81 -12.55
C ALA A 459 7.91 11.64 -12.52
N LEU A 460 7.63 12.24 -11.36
CA LEU A 460 6.43 13.02 -11.15
C LEU A 460 6.48 14.40 -11.80
N SER A 461 7.69 14.95 -11.94
CA SER A 461 7.88 16.30 -12.48
C SER A 461 7.32 16.45 -13.89
N ASP A 462 7.14 17.72 -14.30
CA ASP A 462 6.52 18.06 -15.57
C ASP A 462 7.44 17.70 -16.73
N GLY A 463 7.32 16.45 -17.21
CA GLY A 463 8.21 15.89 -18.21
C GLY A 463 8.66 14.47 -17.87
N GLY A 464 8.49 14.08 -16.61
CA GLY A 464 8.87 12.75 -16.14
C GLY A 464 8.03 11.60 -16.69
N SER A 465 8.48 10.37 -16.41
CA SER A 465 7.84 9.17 -16.93
C SER A 465 6.40 9.03 -16.47
N SER A 466 6.14 9.37 -15.20
CA SER A 466 4.83 9.21 -14.59
C SER A 466 3.88 10.37 -14.91
N TYR A 467 4.43 11.57 -15.13
CA TYR A 467 3.62 12.67 -15.65
C TYR A 467 3.15 12.37 -17.08
N ASN A 468 4.10 11.90 -17.91
CA ASN A 468 3.81 11.55 -19.29
C ASN A 468 2.87 10.35 -19.41
N SER A 469 3.12 9.32 -18.59
CA SER A 469 2.31 8.12 -18.57
C SER A 469 0.85 8.40 -18.21
N ILE A 470 0.64 9.36 -17.31
CA ILE A 470 -0.70 9.85 -17.04
C ILE A 470 -1.28 10.42 -18.34
N CYS A 471 -0.53 11.29 -19.01
CA CYS A 471 -1.00 11.89 -20.26
C CYS A 471 -1.27 10.87 -21.37
N GLU A 472 -0.69 9.66 -21.27
CA GLU A 472 -1.04 8.55 -22.14
C GLU A 472 -2.40 7.94 -21.79
N LEU A 473 -2.71 7.91 -20.50
CA LEU A 473 -4.03 7.50 -20.04
C LEU A 473 -5.08 8.49 -20.53
N VAL A 474 -4.76 9.78 -20.38
CA VAL A 474 -5.61 10.87 -20.90
C VAL A 474 -5.93 10.60 -22.37
N LYS A 475 -4.90 10.59 -23.22
CA LYS A 475 -5.02 10.19 -24.62
C LYS A 475 -6.04 9.07 -24.77
N ASP A 476 -5.77 7.96 -24.08
CA ASP A 476 -6.52 6.72 -24.27
C ASP A 476 -8.00 6.84 -23.88
N ILE A 477 -8.30 7.75 -22.95
CA ILE A 477 -9.68 8.03 -22.58
C ILE A 477 -10.40 8.91 -23.61
N ARG A 478 -9.64 9.72 -24.35
CA ARG A 478 -10.19 10.53 -25.42
C ARG A 478 -10.40 9.72 -26.70
N SER A 479 -9.50 8.78 -26.98
CA SER A 479 -9.66 7.85 -28.09
C SER A 479 -10.93 7.01 -27.94
N ARG A 480 -11.31 6.74 -26.68
CA ARG A 480 -12.56 6.05 -26.36
C ARG A 480 -13.69 7.07 -26.07
#